data_7AUM
#
_entry.id   7AUM
#
_cell.length_a   61.809
_cell.length_b   61.809
_cell.length_c   95.474
_cell.angle_alpha   90.000
_cell.angle_beta   90.000
_cell.angle_gamma   120.000
#
_symmetry.space_group_name_H-M   'P 32 2 1'
#
loop_
_entity.id
_entity.type
_entity.pdbx_description
1 polymer 'Diphosphoinositol polyphosphate phosphohydrolase DDP1'
2 non-polymer '(1,1-difluoro-2-oxo-2-{[(1s,2R,3S,4s,5R,6S)-2,3,4,5,6-pentakis(phosphonooxy)cyclohexyl]amino}ethyl)phosphonic acid'
3 water water
#
_entity_poly.entity_id   1
_entity_poly.type   'polypeptide(L)'
_entity_poly.pdbx_seq_one_letter_code
;GGSMGKTADNHGPVRSETAREGRENQVYSPVTGARLVAGCICLTPDKKQVLMITSSAHKKRWIVPKGGVEKDEPNYETTA
QRETWEEAGCIGKIVANLGTVEDMRPPKDWNKDIKQFENSRKDSEVAKHPPRTEFHFYELEIENLLDKFPECHKRHRKLY
SYTEAKQNLIDAKRPELLEALNRSAIIKDDK
;
_entity_poly.pdbx_strand_id   A
#
# COMPACT_ATOMS: atom_id res chain seq x y z
N ARG A 23 9.83 12.98 -11.00
CA ARG A 23 9.30 14.34 -11.36
C ARG A 23 8.37 14.84 -10.24
N GLU A 24 8.71 15.99 -9.65
CA GLU A 24 7.96 16.63 -8.53
C GLU A 24 6.59 17.08 -9.04
N ASN A 25 5.74 16.12 -9.41
CA ASN A 25 4.35 16.29 -9.87
C ASN A 25 3.41 15.64 -8.84
N GLN A 26 3.93 15.44 -7.62
CA GLN A 26 3.34 14.58 -6.56
C GLN A 26 2.61 15.48 -5.57
N VAL A 27 1.67 14.93 -4.80
CA VAL A 27 0.80 15.68 -3.85
C VAL A 27 1.16 15.28 -2.42
N TYR A 28 1.17 16.26 -1.51
CA TYR A 28 1.61 16.15 -0.10
C TYR A 28 0.54 16.70 0.84
N SER A 29 0.42 16.09 2.03
CA SER A 29 -0.47 16.55 3.12
C SER A 29 -0.03 17.96 3.49
N PRO A 30 -0.92 18.97 3.40
CA PRO A 30 -0.58 20.32 3.84
C PRO A 30 -0.28 20.42 5.34
N VAL A 31 -0.61 19.40 6.13
CA VAL A 31 -0.38 19.40 7.61
C VAL A 31 0.96 18.75 7.92
N THR A 32 1.11 17.46 7.62
CA THR A 32 2.25 16.64 8.07
C THR A 32 3.37 16.63 7.02
N GLY A 33 3.13 17.20 5.84
CA GLY A 33 4.04 17.11 4.67
C GLY A 33 4.19 15.69 4.14
N ALA A 34 3.40 14.73 4.62
CA ALA A 34 3.45 13.32 4.16
C ALA A 34 2.99 13.27 2.70
N ARG A 35 3.56 12.35 1.91
N ARG A 35 3.55 12.33 1.92
CA ARG A 35 3.21 12.14 0.49
CA ARG A 35 3.21 12.11 0.50
C ARG A 35 1.85 11.43 0.41
C ARG A 35 1.84 11.42 0.42
N LEU A 36 0.95 11.93 -0.43
CA LEU A 36 -0.43 11.36 -0.57
C LEU A 36 -0.39 10.24 -1.61
N VAL A 37 -0.76 9.04 -1.18
CA VAL A 37 -0.72 7.79 -1.99
C VAL A 37 -2.07 7.12 -1.90
N ALA A 38 -2.49 6.49 -2.99
CA ALA A 38 -3.75 5.73 -3.05
C ALA A 38 -3.44 4.35 -3.60
N GLY A 39 -4.15 3.34 -3.14
CA GLY A 39 -4.02 1.96 -3.65
C GLY A 39 -5.26 1.11 -3.41
N CYS A 40 -5.21 -0.12 -3.90
CA CYS A 40 -6.34 -1.08 -3.96
C CYS A 40 -5.91 -2.38 -3.29
N ILE A 41 -6.79 -2.87 -2.43
CA ILE A 41 -6.88 -4.29 -1.99
C ILE A 41 -7.85 -4.95 -2.97
N CYS A 42 -7.30 -5.56 -4.02
CA CYS A 42 -8.05 -6.26 -5.09
C CYS A 42 -8.39 -7.69 -4.66
N LEU A 43 -9.68 -7.96 -4.46
CA LEU A 43 -10.21 -9.28 -4.02
C LEU A 43 -10.89 -9.98 -5.19
N THR A 44 -10.85 -11.32 -5.15
CA THR A 44 -11.60 -12.22 -6.06
C THR A 44 -13.07 -12.16 -5.67
N PRO A 45 -14.00 -12.41 -6.61
CA PRO A 45 -15.43 -12.46 -6.30
C PRO A 45 -15.80 -13.29 -5.07
N ASP A 46 -15.16 -14.46 -4.87
CA ASP A 46 -15.42 -15.34 -3.70
C ASP A 46 -14.77 -14.74 -2.44
N LYS A 47 -13.82 -13.80 -2.62
CA LYS A 47 -13.17 -13.00 -1.54
C LYS A 47 -12.17 -13.86 -0.76
N LYS A 48 -11.71 -14.98 -1.31
CA LYS A 48 -10.77 -15.91 -0.64
C LYS A 48 -9.32 -15.45 -0.89
N GLN A 49 -9.08 -14.62 -1.91
CA GLN A 49 -7.70 -14.28 -2.32
C GLN A 49 -7.57 -12.79 -2.65
N VAL A 50 -6.34 -12.28 -2.51
CA VAL A 50 -5.97 -10.87 -2.80
C VAL A 50 -4.83 -10.88 -3.83
N LEU A 51 -4.81 -9.89 -4.72
CA LEU A 51 -3.76 -9.73 -5.75
C LEU A 51 -2.57 -8.95 -5.17
N MET A 52 -1.36 -9.51 -5.31
CA MET A 52 -0.12 -8.85 -4.84
C MET A 52 0.82 -8.73 -6.04
N ILE A 53 1.61 -7.67 -6.05
CA ILE A 53 2.67 -7.40 -7.06
C ILE A 53 3.99 -7.48 -6.30
N THR A 54 5.10 -7.61 -7.04
CA THR A 54 6.47 -7.56 -6.48
C THR A 54 6.95 -6.11 -6.54
N SER A 55 7.68 -5.66 -5.51
CA SER A 55 8.33 -4.32 -5.45
C SER A 55 9.27 -4.20 -6.64
N SER A 56 9.41 -3.00 -7.21
CA SER A 56 10.33 -2.71 -8.35
C SER A 56 11.77 -2.72 -7.84
N ALA A 57 12.01 -2.10 -6.68
CA ALA A 57 13.34 -1.94 -6.02
C ALA A 57 13.82 -3.28 -5.44
N HIS A 58 12.96 -3.95 -4.65
CA HIS A 58 13.25 -5.20 -3.88
C HIS A 58 12.52 -6.39 -4.54
N LYS A 59 13.11 -6.96 -5.60
CA LYS A 59 12.48 -7.93 -6.55
C LYS A 59 11.72 -9.08 -5.84
N LYS A 60 12.06 -9.46 -4.60
CA LYS A 60 11.49 -10.66 -3.93
C LYS A 60 10.40 -10.26 -2.92
N ARG A 61 10.17 -8.95 -2.72
CA ARG A 61 9.16 -8.41 -1.75
C ARG A 61 7.80 -8.29 -2.44
N TRP A 62 6.78 -8.94 -1.88
CA TRP A 62 5.36 -8.87 -2.33
C TRP A 62 4.61 -7.78 -1.56
N ILE A 63 4.07 -6.81 -2.30
CA ILE A 63 3.26 -5.66 -1.76
C ILE A 63 1.93 -5.62 -2.54
N VAL A 64 1.16 -4.54 -2.44
CA VAL A 64 -0.14 -4.38 -3.16
C VAL A 64 -0.03 -3.15 -4.05
N PRO A 65 -0.90 -3.01 -5.07
CA PRO A 65 -0.87 -1.87 -5.97
C PRO A 65 -1.19 -0.54 -5.27
N LYS A 66 -0.34 0.46 -5.49
CA LYS A 66 -0.45 1.78 -4.83
C LYS A 66 0.50 2.75 -5.53
N GLY A 67 0.21 4.06 -5.47
CA GLY A 67 1.09 5.07 -6.04
C GLY A 67 0.69 6.48 -5.65
N GLY A 68 1.60 7.42 -5.86
CA GLY A 68 1.41 8.85 -5.62
C GLY A 68 0.22 9.38 -6.37
N VAL A 69 -0.66 10.09 -5.66
CA VAL A 69 -1.69 10.98 -6.27
C VAL A 69 -0.94 12.03 -7.09
N GLU A 70 -1.50 12.45 -8.22
CA GLU A 70 -0.93 13.54 -9.05
C GLU A 70 -1.89 14.72 -9.06
N LYS A 71 -1.37 15.91 -9.37
CA LYS A 71 -2.05 17.23 -9.20
C LYS A 71 -3.40 17.27 -9.93
N ASP A 72 -3.49 16.64 -11.09
CA ASP A 72 -4.72 16.66 -11.94
C ASP A 72 -5.86 15.87 -11.27
N GLU A 73 -5.53 14.80 -10.54
CA GLU A 73 -6.48 13.72 -10.13
C GLU A 73 -7.52 14.29 -9.16
N PRO A 74 -8.83 14.14 -9.47
CA PRO A 74 -9.89 14.76 -8.67
C PRO A 74 -10.27 13.99 -7.40
N ASN A 75 -9.90 12.72 -7.31
CA ASN A 75 -10.25 11.90 -6.11
C ASN A 75 -9.24 10.77 -5.95
N TYR A 76 -9.16 10.20 -4.76
CA TYR A 76 -8.23 9.11 -4.42
C TYR A 76 -8.60 7.87 -5.24
N GLU A 77 -9.88 7.71 -5.58
CA GLU A 77 -10.34 6.53 -6.36
C GLU A 77 -9.66 6.52 -7.73
N THR A 78 -9.53 7.69 -8.37
CA THR A 78 -8.87 7.86 -9.69
C THR A 78 -7.46 7.30 -9.59
N THR A 79 -6.67 7.85 -8.69
CA THR A 79 -5.26 7.44 -8.43
C THR A 79 -5.20 5.92 -8.22
N ALA A 80 -6.08 5.41 -7.37
CA ALA A 80 -6.12 3.98 -6.98
C ALA A 80 -6.34 3.09 -8.20
N GLN A 81 -7.36 3.36 -9.03
CA GLN A 81 -7.71 2.48 -10.17
C GLN A 81 -6.62 2.58 -11.27
N ARG A 82 -6.01 3.75 -11.39
CA ARG A 82 -4.88 3.99 -12.33
C ARG A 82 -3.67 3.14 -11.91
N GLU A 83 -3.33 3.15 -10.62
CA GLU A 83 -2.14 2.45 -10.10
C GLU A 83 -2.37 0.94 -10.16
N THR A 84 -3.60 0.48 -9.98
CA THR A 84 -3.98 -0.95 -10.05
C THR A 84 -3.86 -1.45 -11.50
N TRP A 85 -4.16 -0.57 -12.46
CA TRP A 85 -3.91 -0.87 -13.89
C TRP A 85 -2.39 -0.92 -14.15
N GLU A 86 -1.70 0.20 -13.88
CA GLU A 86 -0.29 0.44 -14.30
C GLU A 86 0.60 -0.64 -13.70
N GLU A 87 0.37 -0.99 -12.43
CA GLU A 87 1.27 -1.88 -11.66
C GLU A 87 0.85 -3.34 -11.80
N ALA A 88 -0.45 -3.65 -12.02
CA ALA A 88 -0.94 -5.03 -11.83
C ALA A 88 -1.83 -5.51 -12.97
N GLY A 89 -2.08 -4.70 -14.00
CA GLY A 89 -2.94 -5.09 -15.12
C GLY A 89 -4.27 -5.62 -14.63
N CYS A 90 -4.83 -4.93 -13.64
CA CYS A 90 -6.08 -5.36 -12.97
C CYS A 90 -7.14 -4.31 -13.26
N ILE A 91 -8.34 -4.79 -13.59
CA ILE A 91 -9.57 -4.01 -13.77
C ILE A 91 -10.62 -4.56 -12.82
N GLY A 92 -11.37 -3.68 -12.16
CA GLY A 92 -12.52 -4.06 -11.32
C GLY A 92 -13.28 -2.86 -10.79
N LYS A 93 -14.27 -3.10 -9.94
CA LYS A 93 -15.08 -2.02 -9.33
C LYS A 93 -14.70 -1.90 -7.85
N ILE A 94 -14.55 -0.64 -7.42
CA ILE A 94 -14.35 -0.30 -6.00
C ILE A 94 -15.67 -0.58 -5.27
N VAL A 95 -15.61 -1.47 -4.27
CA VAL A 95 -16.80 -1.90 -3.46
C VAL A 95 -16.70 -1.28 -2.07
N ALA A 96 -15.57 -0.71 -1.66
CA ALA A 96 -15.40 -0.17 -0.29
C ALA A 96 -14.24 0.80 -0.18
N ASN A 97 -14.41 1.82 0.66
CA ASN A 97 -13.33 2.72 1.12
C ASN A 97 -12.75 2.11 2.40
N LEU A 98 -11.46 1.81 2.43
CA LEU A 98 -10.78 1.18 3.59
C LEU A 98 -10.11 2.25 4.45
N GLY A 99 -10.44 3.52 4.22
CA GLY A 99 -9.87 4.66 4.96
C GLY A 99 -8.38 4.77 4.76
N THR A 100 -7.68 5.32 5.76
CA THR A 100 -6.25 5.71 5.64
C THR A 100 -5.40 4.83 6.58
N VAL A 101 -4.14 4.64 6.17
CA VAL A 101 -3.05 4.06 6.99
C VAL A 101 -1.80 4.87 6.67
N GLU A 102 -0.80 4.85 7.53
CA GLU A 102 0.40 5.70 7.36
C GLU A 102 1.67 4.86 7.38
N ASP A 103 2.65 5.23 6.55
CA ASP A 103 4.04 4.76 6.68
C ASP A 103 4.69 5.57 7.80
N MET A 104 4.85 4.94 8.97
CA MET A 104 5.46 5.54 10.18
C MET A 104 6.92 5.06 10.32
N ARG A 105 7.52 4.55 9.25
CA ARG A 105 8.97 4.22 9.20
C ARG A 105 9.76 5.49 9.52
N PRO A 106 10.74 5.45 10.46
CA PRO A 106 11.57 6.61 10.74
C PRO A 106 12.43 7.02 9.53
N PRO A 107 12.85 8.31 9.44
CA PRO A 107 13.77 8.77 8.39
C PRO A 107 15.06 7.94 8.24
N LYS A 108 15.76 8.12 7.11
CA LYS A 108 17.00 7.38 6.75
C LYS A 108 18.11 7.68 7.76
N ASP A 109 18.33 8.97 8.06
CA ASP A 109 19.43 9.48 8.92
C ASP A 109 19.28 8.93 10.36
N TRP A 110 18.07 8.50 10.75
CA TRP A 110 17.73 7.91 12.07
C TRP A 110 18.79 6.88 12.48
N ASN A 111 19.27 6.07 11.53
CA ASN A 111 20.22 4.95 11.75
C ASN A 111 21.21 5.33 12.87
N LYS A 112 22.06 6.33 12.61
CA LYS A 112 23.18 6.75 13.51
C LYS A 112 22.89 8.16 14.06
N ASP A 113 21.83 8.28 14.88
CA ASP A 113 21.48 9.51 15.65
C ASP A 113 21.71 9.26 17.14
N ILE A 114 21.96 10.32 17.91
CA ILE A 114 22.23 10.24 19.38
C ILE A 114 20.95 9.80 20.11
N LYS A 115 19.79 10.36 19.73
CA LYS A 115 18.44 10.00 20.26
C LYS A 115 17.69 9.20 19.18
N GLN A 116 17.08 8.06 19.55
CA GLN A 116 16.37 7.15 18.61
C GLN A 116 15.03 6.67 19.17
N PHE A 117 14.88 6.57 20.50
CA PHE A 117 13.69 5.98 21.17
C PHE A 117 13.24 6.86 22.34
N GLU A 118 11.94 6.78 22.65
CA GLU A 118 11.28 7.48 23.80
C GLU A 118 10.53 6.43 24.61
N ASN A 119 10.90 6.27 25.89
CA ASN A 119 10.47 5.12 26.74
C ASN A 119 9.53 5.62 27.86
N SER A 120 8.44 4.89 28.07
CA SER A 120 7.48 5.05 29.19
C SER A 120 7.77 3.98 30.27
N ARG A 121 7.13 4.07 31.43
CA ARG A 121 7.34 3.12 32.56
C ARG A 121 6.71 1.75 32.25
N LYS A 122 5.77 1.70 31.29
CA LYS A 122 4.96 0.49 30.96
C LYS A 122 5.05 0.14 29.46
N ASP A 123 5.87 0.88 28.69
CA ASP A 123 5.96 0.70 27.21
C ASP A 123 7.16 1.46 26.64
N SER A 124 7.58 1.10 25.43
CA SER A 124 8.65 1.77 24.63
C SER A 124 8.12 2.11 23.24
N GLU A 125 8.66 3.17 22.63
CA GLU A 125 8.22 3.72 21.32
C GLU A 125 9.43 4.32 20.60
N VAL A 126 9.32 4.45 19.26
CA VAL A 126 10.34 5.13 18.41
C VAL A 126 10.19 6.64 18.66
N ALA A 127 11.25 7.42 18.47
CA ALA A 127 11.25 8.90 18.63
C ALA A 127 10.22 9.51 17.66
N LYS A 128 9.41 10.46 18.15
CA LYS A 128 8.31 11.15 17.39
C LYS A 128 8.84 11.69 16.07
N HIS A 129 8.09 11.51 14.98
CA HIS A 129 8.44 11.99 13.62
C HIS A 129 7.18 12.02 12.75
N PRO A 130 7.17 12.82 11.67
CA PRO A 130 6.04 12.85 10.75
C PRO A 130 6.06 11.61 9.86
N PRO A 131 4.89 11.05 9.49
CA PRO A 131 4.83 9.91 8.58
C PRO A 131 5.49 10.25 7.24
N ARG A 132 6.13 9.26 6.61
CA ARG A 132 6.67 9.38 5.23
C ARG A 132 5.48 9.55 4.28
N THR A 133 4.49 8.68 4.42
CA THR A 133 3.41 8.48 3.42
C THR A 133 2.06 8.36 4.13
N GLU A 134 1.02 8.96 3.56
CA GLU A 134 -0.40 8.78 3.94
C GLU A 134 -1.07 7.99 2.82
N PHE A 135 -1.60 6.79 3.09
CA PHE A 135 -2.24 5.91 2.07
C PHE A 135 -3.75 5.94 2.20
N HIS A 136 -4.45 6.13 1.08
CA HIS A 136 -5.92 5.99 0.95
C HIS A 136 -6.22 4.70 0.18
N PHE A 137 -6.73 3.67 0.85
CA PHE A 137 -6.96 2.33 0.28
C PHE A 137 -8.46 2.14 -0.03
N TYR A 138 -8.71 1.45 -1.15
CA TYR A 138 -10.03 0.91 -1.55
C TYR A 138 -9.93 -0.60 -1.72
N GLU A 139 -11.05 -1.27 -1.49
CA GLU A 139 -11.32 -2.67 -1.84
C GLU A 139 -11.92 -2.68 -3.24
N LEU A 140 -11.28 -3.39 -4.14
CA LEU A 140 -11.75 -3.60 -5.52
C LEU A 140 -12.12 -5.08 -5.65
N GLU A 141 -13.21 -5.37 -6.33
CA GLU A 141 -13.56 -6.73 -6.79
C GLU A 141 -12.98 -6.89 -8.19
N ILE A 142 -12.11 -7.87 -8.36
CA ILE A 142 -11.44 -8.12 -9.68
C ILE A 142 -12.49 -8.56 -10.71
N GLU A 143 -12.58 -7.84 -11.83
CA GLU A 143 -13.45 -8.20 -12.98
C GLU A 143 -12.59 -8.81 -14.09
N ASN A 144 -11.36 -8.31 -14.28
CA ASN A 144 -10.42 -8.88 -15.27
C ASN A 144 -8.96 -8.60 -14.89
N LEU A 145 -8.09 -9.55 -15.24
CA LEU A 145 -6.61 -9.40 -15.23
C LEU A 145 -6.11 -9.55 -16.67
N LEU A 146 -5.30 -8.60 -17.14
CA LEU A 146 -4.79 -8.57 -18.53
C LEU A 146 -3.32 -8.96 -18.52
N ASP A 147 -2.91 -9.73 -19.53
CA ASP A 147 -1.52 -10.23 -19.65
C ASP A 147 -0.59 -9.03 -19.93
N LYS A 148 -1.07 -8.00 -20.63
CA LYS A 148 -0.23 -6.80 -20.95
C LYS A 148 -0.68 -5.60 -20.13
N PHE A 149 0.28 -4.90 -19.51
CA PHE A 149 0.05 -3.59 -18.84
C PHE A 149 1.39 -2.85 -18.73
N PRO A 150 1.40 -1.53 -18.40
CA PRO A 150 2.61 -0.72 -18.47
C PRO A 150 3.87 -1.25 -17.74
N GLU A 151 3.70 -2.08 -16.70
CA GLU A 151 4.84 -2.62 -15.90
C GLU A 151 4.85 -4.15 -16.00
N CYS A 152 4.25 -4.67 -17.08
CA CYS A 152 4.30 -6.05 -17.62
C CYS A 152 5.57 -6.81 -17.23
N HIS A 153 6.74 -6.23 -17.50
CA HIS A 153 8.04 -6.94 -17.39
C HIS A 153 8.89 -6.42 -16.23
N LYS A 154 8.47 -5.32 -15.58
CA LYS A 154 9.22 -4.67 -14.47
C LYS A 154 8.85 -5.32 -13.11
N ARG A 155 7.68 -5.95 -13.03
CA ARG A 155 7.16 -6.59 -11.80
C ARG A 155 6.46 -7.90 -12.13
N HIS A 156 6.24 -8.72 -11.09
CA HIS A 156 5.39 -9.94 -11.14
C HIS A 156 4.11 -9.65 -10.36
N ARG A 157 3.07 -10.45 -10.58
CA ARG A 157 1.79 -10.31 -9.85
C ARG A 157 1.18 -11.70 -9.68
N LYS A 158 0.46 -11.93 -8.57
CA LYS A 158 -0.16 -13.26 -8.27
C LYS A 158 -1.19 -13.10 -7.15
N LEU A 159 -2.18 -14.01 -7.12
CA LEU A 159 -3.22 -14.14 -6.09
C LEU A 159 -2.66 -14.92 -4.89
N TYR A 160 -3.05 -14.51 -3.68
CA TYR A 160 -2.64 -15.16 -2.42
C TYR A 160 -3.83 -15.19 -1.45
N SER A 161 -3.93 -16.29 -0.71
CA SER A 161 -4.86 -16.42 0.45
C SER A 161 -4.48 -15.37 1.50
N TYR A 162 -5.36 -15.12 2.47
CA TYR A 162 -5.09 -14.17 3.58
C TYR A 162 -3.77 -14.53 4.27
N THR A 163 -3.60 -15.77 4.72
CA THR A 163 -2.42 -16.21 5.52
C THR A 163 -1.12 -15.94 4.75
N GLU A 164 -1.11 -16.20 3.44
CA GLU A 164 0.10 -16.05 2.60
C GLU A 164 0.39 -14.56 2.42
N ALA A 165 -0.64 -13.79 2.08
CA ALA A 165 -0.59 -12.31 1.95
C ALA A 165 -0.03 -11.72 3.24
N LYS A 166 -0.61 -12.08 4.38
CA LYS A 166 -0.19 -11.59 5.72
C LYS A 166 1.33 -11.84 5.88
N GLN A 167 1.77 -13.06 5.58
CA GLN A 167 3.21 -13.41 5.73
C GLN A 167 4.03 -12.59 4.75
N ASN A 168 3.56 -12.44 3.50
CA ASN A 168 4.23 -11.62 2.44
C ASN A 168 4.44 -10.17 2.93
N LEU A 169 3.43 -9.57 3.59
CA LEU A 169 3.52 -8.15 4.01
C LEU A 169 4.42 -8.01 5.24
N ILE A 170 4.43 -9.00 6.13
CA ILE A 170 5.37 -8.99 7.30
C ILE A 170 6.79 -9.14 6.72
N ASP A 171 6.99 -10.12 5.85
CA ASP A 171 8.28 -10.37 5.12
C ASP A 171 8.73 -9.11 4.38
N ALA A 172 7.80 -8.34 3.82
CA ALA A 172 8.10 -7.06 3.13
C ALA A 172 8.35 -5.94 4.13
N LYS A 173 8.02 -6.14 5.43
CA LYS A 173 8.13 -5.14 6.52
C LYS A 173 7.16 -3.97 6.26
N ARG A 174 5.92 -4.27 5.90
CA ARG A 174 4.89 -3.24 5.58
C ARG A 174 3.65 -3.54 6.41
N PRO A 175 3.68 -3.33 7.73
CA PRO A 175 2.50 -3.56 8.56
C PRO A 175 1.29 -2.72 8.11
N GLU A 176 1.51 -1.45 7.75
CA GLU A 176 0.42 -0.52 7.35
C GLU A 176 -0.35 -1.13 6.16
N LEU A 177 0.32 -1.85 5.26
CA LEU A 177 -0.37 -2.47 4.09
C LEU A 177 -1.20 -3.64 4.63
N LEU A 178 -0.70 -4.30 5.69
CA LEU A 178 -1.43 -5.43 6.30
C LEU A 178 -2.68 -4.88 7.02
N GLU A 179 -2.57 -3.74 7.69
CA GLU A 179 -3.73 -3.06 8.32
C GLU A 179 -4.79 -2.83 7.25
N ALA A 180 -4.41 -2.19 6.16
CA ALA A 180 -5.34 -1.94 5.04
C ALA A 180 -5.97 -3.29 4.66
N LEU A 181 -5.15 -4.34 4.48
CA LEU A 181 -5.66 -5.67 4.08
C LEU A 181 -6.66 -6.19 5.11
N ASN A 182 -6.37 -5.99 6.40
CA ASN A 182 -7.23 -6.48 7.51
C ASN A 182 -8.60 -5.78 7.50
N ARG A 183 -8.70 -4.55 7.02
CA ARG A 183 -9.98 -3.80 6.97
C ARG A 183 -10.86 -4.35 5.85
N SER A 184 -10.29 -5.07 4.90
CA SER A 184 -11.01 -5.60 3.72
C SER A 184 -11.96 -6.73 4.16
N ALA A 185 -12.83 -7.16 3.25
CA ALA A 185 -13.78 -8.27 3.44
C ALA A 185 -13.13 -9.60 3.08
N ILE A 186 -11.80 -9.64 2.92
CA ILE A 186 -11.06 -10.90 2.60
C ILE A 186 -11.37 -11.92 3.69
N ILE A 187 -11.71 -13.14 3.32
CA ILE A 187 -11.99 -14.24 4.30
C ILE A 187 -10.66 -14.65 4.93
N LYS A 188 -10.60 -14.60 6.25
CA LYS A 188 -9.36 -14.85 7.04
C LYS A 188 -9.29 -16.34 7.40
N ASP A 189 -10.43 -17.03 7.41
CA ASP A 189 -10.56 -18.47 7.79
C ASP A 189 -9.85 -19.33 6.74
#